data_3BI6
#
_entry.id   3BI6
#
_cell.length_a   68.330
_cell.length_b   68.330
_cell.length_c   157.311
_cell.angle_alpha   90.00
_cell.angle_beta   90.00
_cell.angle_gamma   90.00
#
_symmetry.space_group_name_H-M   'P 41 21 2'
#
loop_
_entity.id
_entity.type
_entity.pdbx_description
1 polymer 'Wee1-like protein kinase'
2 non-polymer 'CHLORIDE ION'
3 non-polymer 4-(2-chlorophenyl)-9-hydroxy-6-methyl-1,3-dioxo-N-(2-pyrrolidin-1-ylethyl)pyrrolo[3,4-g]carbazole-8-carboxamide
4 water water
#
_entity_poly.entity_id   1
_entity_poly.type   'polypeptide(L)'
_entity_poly.pdbx_seq_one_letter_code
;GAMKSRYTTEFHELEKIGSGEFGSVFKCVKRLDGCIYAIKRSKKPLAGSVDEQNALREVYAHAVLGQHSHVVRYFSAWAE
DDHMLIQNEYCNGGSLADAISENYRIMSYFKEAELKDLLLQVGRGLRYIHSMSLVHMDIKPSNIFISRTSIPNAASEEGD
EDDWASNKVMFKIGDLGHVTRISSPQVEEGDSRFLANEVLQENYTHLPKADIFALALTVVCAAGAEPLPRNGDQWHEIRQ
GRLPRIPQVLSQEFTELLKVMIHPDPERRPSAMALVKHSVLLSASRK
;
_entity_poly.pdbx_strand_id   A
#
# COMPACT_ATOMS: atom_id res chain seq x y z
N SER A 5 5.72 22.27 -21.91
CA SER A 5 4.92 21.27 -21.07
C SER A 5 4.56 21.88 -19.75
N ARG A 6 3.39 21.52 -19.23
CA ARG A 6 2.99 21.91 -17.85
C ARG A 6 4.07 21.48 -16.81
N TYR A 7 4.44 20.21 -16.85
CA TYR A 7 5.47 19.65 -15.97
C TYR A 7 6.69 20.60 -15.90
N THR A 8 7.30 20.88 -17.07
CA THR A 8 8.50 21.73 -17.16
C THR A 8 8.23 23.11 -16.74
N THR A 9 7.10 23.68 -17.11
CA THR A 9 6.86 25.07 -16.69
C THR A 9 6.41 25.21 -15.21
N GLU A 10 5.66 24.26 -14.65
CA GLU A 10 5.18 24.53 -13.30
C GLU A 10 6.10 24.03 -12.16
N PHE A 11 7.03 23.14 -12.50
CA PHE A 11 7.79 22.35 -11.51
C PHE A 11 9.27 22.34 -11.86
N HIS A 12 10.10 22.43 -10.83
CA HIS A 12 11.51 22.18 -10.90
C HIS A 12 11.77 20.72 -10.38
N GLU A 13 12.08 19.83 -11.30
CA GLU A 13 12.52 18.49 -11.01
C GLU A 13 13.87 18.50 -10.21
N LEU A 14 13.83 18.01 -8.96
CA LEU A 14 15.01 17.93 -8.09
C LEU A 14 15.74 16.56 -8.12
N GLU A 15 15.02 15.44 -8.21
CA GLU A 15 15.65 14.11 -8.01
C GLU A 15 14.72 13.02 -8.52
N LYS A 16 15.27 12.05 -9.27
CA LYS A 16 14.53 10.85 -9.59
C LYS A 16 14.53 9.95 -8.33
N ILE A 17 13.35 9.52 -7.88
CA ILE A 17 13.17 8.76 -6.62
C ILE A 17 12.56 7.40 -6.86
N GLY A 18 12.15 7.14 -8.08
CA GLY A 18 11.63 5.83 -8.39
C GLY A 18 11.60 5.61 -9.87
N SER A 19 11.71 4.34 -10.22
CA SER A 19 11.84 3.89 -11.62
C SER A 19 11.08 2.60 -11.88
N GLY A 20 10.50 2.47 -13.05
CA GLY A 20 9.90 1.17 -13.37
C GLY A 20 9.64 1.00 -14.84
N GLU A 21 9.21 -0.22 -15.21
CA GLU A 21 8.60 -0.50 -16.51
C GLU A 21 7.65 0.68 -16.83
N PHE A 22 6.68 0.87 -15.91
CA PHE A 22 5.64 1.95 -15.96
C PHE A 22 6.24 3.37 -15.96
N GLY A 23 6.38 3.91 -14.73
CA GLY A 23 6.83 5.30 -14.57
C GLY A 23 8.30 5.63 -14.31
N SER A 24 8.53 6.92 -14.17
CA SER A 24 9.46 7.40 -13.23
C SER A 24 8.71 8.27 -12.25
N VAL A 25 9.28 8.32 -11.06
CA VAL A 25 8.81 9.22 -10.04
C VAL A 25 9.89 10.24 -9.74
N PHE A 26 9.51 11.50 -9.67
CA PHE A 26 10.45 12.56 -9.35
C PHE A 26 9.94 13.34 -8.19
N LYS A 27 10.86 13.75 -7.35
CA LYS A 27 10.66 14.76 -6.36
C LYS A 27 10.82 16.15 -7.01
N CYS A 28 9.77 16.99 -6.92
CA CYS A 28 9.73 18.26 -7.64
C CYS A 28 9.32 19.38 -6.74
N VAL A 29 9.92 20.56 -6.96
CA VAL A 29 9.38 21.83 -6.37
C VAL A 29 8.42 22.47 -7.37
N LYS A 30 7.21 22.80 -6.90
CA LYS A 30 6.25 23.57 -7.65
C LYS A 30 6.69 25.01 -7.53
N ARG A 31 6.92 25.66 -8.67
CA ARG A 31 7.56 27.01 -8.68
C ARG A 31 6.72 28.05 -8.00
N LEU A 32 5.40 27.95 -8.11
CA LEU A 32 4.55 28.99 -7.63
C LEU A 32 4.33 28.89 -6.14
N ASP A 33 4.20 27.65 -5.63
CA ASP A 33 3.81 27.53 -4.22
C ASP A 33 5.00 27.20 -3.29
N GLY A 34 6.15 26.92 -3.93
CA GLY A 34 7.29 26.54 -3.17
C GLY A 34 7.30 25.17 -2.49
N CYS A 35 6.34 24.28 -2.68
CA CYS A 35 6.31 22.99 -2.00
C CYS A 35 6.83 21.94 -2.89
N ILE A 36 7.23 20.85 -2.23
CA ILE A 36 7.74 19.63 -2.87
C ILE A 36 6.63 18.63 -2.96
N TYR A 37 6.55 18.00 -4.11
CA TYR A 37 5.56 17.00 -4.47
C TYR A 37 6.33 15.84 -5.06
N ALA A 38 5.73 14.66 -4.97
CA ALA A 38 6.16 13.49 -5.75
C ALA A 38 5.32 13.46 -7.02
N ILE A 39 5.97 13.37 -8.17
CA ILE A 39 5.24 13.35 -9.43
C ILE A 39 5.59 12.10 -10.20
N LYS A 40 4.59 11.31 -10.54
CA LYS A 40 4.85 10.16 -11.34
C LYS A 40 4.46 10.49 -12.79
N ARG A 41 5.34 10.15 -13.72
CA ARG A 41 5.17 10.44 -15.16
C ARG A 41 5.23 9.07 -15.81
N SER A 42 4.10 8.58 -16.31
CA SER A 42 4.01 7.30 -16.98
C SER A 42 3.61 7.48 -18.47
N LYS A 43 3.69 6.42 -19.28
CA LYS A 43 3.36 6.59 -20.73
C LYS A 43 1.85 6.49 -20.87
N LYS A 44 1.26 7.45 -21.60
CA LYS A 44 -0.19 7.53 -21.74
C LYS A 44 -0.66 6.24 -22.41
N PRO A 45 -1.54 5.46 -21.75
CA PRO A 45 -2.03 4.25 -22.43
C PRO A 45 -2.96 4.60 -23.61
N LEU A 46 -3.19 3.61 -24.50
CA LEU A 46 -4.10 3.75 -25.65
C LEU A 46 -5.58 4.04 -25.26
N ALA A 47 -6.15 5.11 -25.84
CA ALA A 47 -7.52 5.53 -25.55
C ALA A 47 -8.43 4.34 -25.65
N GLY A 48 -9.43 4.28 -24.77
CA GLY A 48 -10.39 3.20 -24.78
C GLY A 48 -9.92 1.84 -24.29
N SER A 49 -8.61 1.67 -24.09
CA SER A 49 -8.05 0.37 -23.68
C SER A 49 -8.37 0.01 -22.23
N VAL A 50 -8.32 -1.29 -21.92
CA VAL A 50 -8.51 -1.73 -20.54
C VAL A 50 -7.43 -1.08 -19.67
N ASP A 51 -6.31 -0.72 -20.30
CA ASP A 51 -5.20 -0.14 -19.57
C ASP A 51 -5.43 1.32 -19.19
N GLU A 52 -6.07 2.06 -20.09
CA GLU A 52 -6.48 3.39 -19.76
C GLU A 52 -7.50 3.40 -18.59
N GLN A 53 -8.49 2.50 -18.66
CA GLN A 53 -9.45 2.30 -17.57
C GLN A 53 -8.76 2.14 -16.22
N ASN A 54 -7.71 1.32 -16.18
CA ASN A 54 -6.91 1.07 -14.98
C ASN A 54 -6.21 2.32 -14.53
N ALA A 55 -5.60 3.01 -15.49
CA ALA A 55 -4.87 4.24 -15.23
C ALA A 55 -5.79 5.29 -14.61
N LEU A 56 -7.01 5.39 -15.14
CA LEU A 56 -7.91 6.43 -14.75
C LEU A 56 -8.59 6.09 -13.40
N ARG A 57 -8.78 4.80 -13.14
CA ARG A 57 -9.23 4.39 -11.81
C ARG A 57 -8.30 4.85 -10.67
N GLU A 58 -6.97 4.90 -10.95
CA GLU A 58 -6.03 5.34 -9.94
C GLU A 58 -6.33 6.82 -9.62
N VAL A 59 -6.64 7.56 -10.68
CA VAL A 59 -6.90 8.99 -10.62
C VAL A 59 -8.24 9.27 -9.90
N TYR A 60 -9.27 8.48 -10.27
CA TYR A 60 -10.58 8.59 -9.63
C TYR A 60 -10.45 8.17 -8.18
N ALA A 61 -9.71 7.09 -7.87
CA ALA A 61 -9.47 6.74 -6.46
C ALA A 61 -8.80 7.87 -5.70
N HIS A 62 -7.74 8.46 -6.25
CA HIS A 62 -7.04 9.56 -5.57
C HIS A 62 -7.91 10.75 -5.31
N ALA A 63 -8.76 11.06 -6.26
CA ALA A 63 -9.60 12.22 -6.14
C ALA A 63 -10.80 11.96 -5.18
N VAL A 64 -11.03 10.75 -4.70
CA VAL A 64 -12.04 10.58 -3.62
C VAL A 64 -11.40 10.19 -2.28
N LEU A 65 -10.07 10.12 -2.24
CA LEU A 65 -9.31 9.62 -1.09
C LEU A 65 -8.28 10.68 -0.68
N GLY A 66 -8.72 11.95 -0.69
CA GLY A 66 -7.89 13.12 -0.32
C GLY A 66 -8.14 13.68 1.08
N GLN A 67 -8.90 12.99 1.89
CA GLN A 67 -9.26 13.59 3.16
C GLN A 67 -8.52 12.91 4.30
N HIS A 68 -7.60 11.97 4.03
CA HIS A 68 -7.13 11.12 5.16
C HIS A 68 -5.65 11.28 5.45
N SER A 69 -5.30 11.39 6.74
CA SER A 69 -3.88 11.50 7.08
C SER A 69 -3.00 10.29 6.87
N HIS A 70 -3.59 9.12 6.60
CA HIS A 70 -2.88 7.86 6.34
C HIS A 70 -3.06 7.37 4.93
N VAL A 71 -3.43 8.30 4.03
CA VAL A 71 -3.44 7.99 2.59
C VAL A 71 -2.73 9.18 1.99
N VAL A 72 -1.74 8.92 1.14
CA VAL A 72 -1.00 9.98 0.46
C VAL A 72 -2.00 10.97 -0.21
N ARG A 73 -1.89 12.27 0.06
CA ARG A 73 -2.75 13.31 -0.57
CA ARG A 73 -2.77 13.28 -0.56
C ARG A 73 -2.45 13.43 -2.07
N TYR A 74 -3.50 13.61 -2.85
CA TYR A 74 -3.44 13.91 -4.29
C TYR A 74 -3.63 15.39 -4.54
N PHE A 75 -2.87 15.95 -5.46
CA PHE A 75 -3.06 17.36 -5.90
C PHE A 75 -3.67 17.52 -7.28
N SER A 76 -3.13 16.79 -8.26
CA SER A 76 -3.53 17.00 -9.62
C SER A 76 -3.02 15.87 -10.41
N ALA A 77 -3.67 15.69 -11.55
CA ALA A 77 -3.25 14.76 -12.58
C ALA A 77 -3.59 15.44 -13.92
N TRP A 78 -2.79 15.16 -14.94
CA TRP A 78 -2.98 15.73 -16.30
C TRP A 78 -2.26 14.86 -17.30
N ALA A 79 -2.56 15.12 -18.59
CA ALA A 79 -2.07 14.38 -19.75
C ALA A 79 -1.36 15.37 -20.66
N GLU A 80 -0.28 14.92 -21.27
CA GLU A 80 0.52 15.78 -22.16
C GLU A 80 1.71 15.00 -22.73
N ASP A 81 1.94 15.16 -24.05
CA ASP A 81 2.75 14.24 -24.88
C ASP A 81 1.97 12.92 -24.95
N ASP A 82 2.74 11.83 -24.96
CA ASP A 82 2.18 10.52 -24.72
C ASP A 82 2.48 10.19 -23.25
N HIS A 83 2.34 11.20 -22.37
CA HIS A 83 2.48 10.98 -20.92
C HIS A 83 1.28 11.36 -20.06
N MET A 84 1.02 10.50 -19.06
CA MET A 84 0.08 10.72 -17.96
C MET A 84 0.87 11.11 -16.68
N LEU A 85 0.49 12.23 -16.05
CA LEU A 85 1.12 12.63 -14.78
C LEU A 85 0.16 12.76 -13.60
N ILE A 86 0.63 12.37 -12.42
CA ILE A 86 -0.04 12.52 -11.17
C ILE A 86 0.94 13.20 -10.16
N GLN A 87 0.48 14.27 -9.50
CA GLN A 87 1.22 15.04 -8.56
C GLN A 87 0.61 14.79 -7.18
N ASN A 88 1.43 14.20 -6.30
CA ASN A 88 0.98 13.73 -4.99
C ASN A 88 1.83 14.39 -3.91
N GLU A 89 1.35 14.31 -2.66
CA GLU A 89 2.13 14.69 -1.43
C GLU A 89 3.52 13.94 -1.44
N TYR A 90 4.59 14.70 -1.20
CA TYR A 90 5.90 14.14 -1.03
C TYR A 90 6.08 13.58 0.41
N CYS A 91 6.47 12.30 0.55
CA CYS A 91 6.78 11.74 1.85
C CYS A 91 8.28 11.59 1.92
N ASN A 92 8.89 12.35 2.77
CA ASN A 92 10.36 12.41 2.78
C ASN A 92 11.09 11.24 3.49
N GLY A 93 10.36 10.29 4.10
CA GLY A 93 11.00 9.10 4.75
C GLY A 93 11.06 7.94 3.80
N GLY A 94 10.65 8.16 2.56
CA GLY A 94 10.72 7.10 1.56
C GLY A 94 9.70 5.99 1.85
N SER A 95 9.93 4.81 1.27
CA SER A 95 8.96 3.76 1.44
C SER A 95 9.27 2.91 2.66
N LEU A 96 8.25 2.22 3.15
CA LEU A 96 8.46 1.23 4.18
C LEU A 96 9.43 0.11 3.75
N ALA A 97 9.35 -0.31 2.47
CA ALA A 97 10.29 -1.28 1.89
C ALA A 97 11.76 -0.91 2.11
N ASP A 98 12.13 0.34 1.84
CA ASP A 98 13.51 0.77 2.10
C ASP A 98 13.88 0.85 3.58
N ALA A 99 12.99 1.34 4.44
CA ALA A 99 13.27 1.26 5.87
C ALA A 99 13.48 -0.22 6.35
N ILE A 100 12.68 -1.15 5.84
CA ILE A 100 12.87 -2.57 6.06
C ILE A 100 14.22 -3.17 5.57
N SER A 101 14.63 -2.90 4.33
CA SER A 101 15.97 -3.22 3.83
C SER A 101 17.13 -2.69 4.66
N GLU A 102 17.12 -1.40 4.98
CA GLU A 102 18.11 -0.87 5.92
C GLU A 102 18.11 -1.67 7.25
N ASN A 103 16.95 -1.85 7.90
CA ASN A 103 16.84 -2.62 9.16
C ASN A 103 17.41 -4.05 9.05
N TYR A 104 17.18 -4.67 7.89
CA TYR A 104 17.60 -6.05 7.62
C TYR A 104 19.15 -6.12 7.69
N ARG A 105 19.82 -5.08 7.15
CA ARG A 105 21.29 -5.08 7.06
C ARG A 105 21.91 -4.85 8.48
N ILE A 106 21.24 -4.04 9.30
CA ILE A 106 21.79 -3.70 10.61
C ILE A 106 21.27 -4.61 11.74
N MET A 107 20.35 -5.55 11.38
CA MET A 107 19.71 -6.48 12.33
C MET A 107 19.03 -5.76 13.48
N SER A 108 18.41 -4.61 13.18
CA SER A 108 17.62 -3.90 14.16
C SER A 108 16.28 -3.57 13.45
N TYR A 109 15.18 -4.18 13.93
CA TYR A 109 13.88 -4.18 13.23
C TYR A 109 12.91 -3.21 13.91
N PHE A 110 11.66 -3.11 13.45
CA PHE A 110 10.59 -2.43 14.22
C PHE A 110 10.30 -3.28 15.47
N LYS A 111 10.32 -2.62 16.62
CA LYS A 111 9.97 -3.23 17.93
C LYS A 111 8.46 -3.26 18.08
N GLU A 112 7.96 -4.04 19.02
CA GLU A 112 6.57 -4.31 19.06
C GLU A 112 5.71 -3.05 19.09
N ALA A 113 6.05 -2.03 19.89
CA ALA A 113 5.29 -0.75 19.93
C ALA A 113 5.28 -0.04 18.58
N GLU A 114 6.37 -0.11 17.83
CA GLU A 114 6.44 0.49 16.51
C GLU A 114 5.65 -0.27 15.48
N LEU A 115 5.61 -1.59 15.65
CA LEU A 115 4.84 -2.49 14.79
C LEU A 115 3.33 -2.25 15.00
N LYS A 116 2.95 -2.05 16.26
CA LYS A 116 1.54 -1.78 16.60
C LYS A 116 1.10 -0.44 15.99
N ASP A 117 1.97 0.55 16.10
CA ASP A 117 1.78 1.88 15.57
C ASP A 117 1.63 1.79 14.01
N LEU A 118 2.53 1.09 13.34
CA LEU A 118 2.44 0.80 11.90
C LEU A 118 1.11 0.16 11.56
N LEU A 119 0.77 -0.90 12.29
CA LEU A 119 -0.51 -1.65 12.10
C LEU A 119 -1.75 -0.74 12.23
N LEU A 120 -1.76 0.03 13.32
CA LEU A 120 -2.84 0.94 13.59
C LEU A 120 -2.97 2.05 12.53
N GLN A 121 -1.87 2.73 12.18
CA GLN A 121 -1.93 3.83 11.23
C GLN A 121 -2.42 3.37 9.85
N VAL A 122 -1.83 2.29 9.32
CA VAL A 122 -2.30 1.71 8.06
C VAL A 122 -3.75 1.13 8.14
N GLY A 123 -4.05 0.45 9.26
CA GLY A 123 -5.41 0.13 9.68
C GLY A 123 -6.37 1.32 9.54
N ARG A 124 -6.03 2.47 10.09
CA ARG A 124 -6.85 3.67 9.85
C ARG A 124 -7.03 4.10 8.37
N GLY A 125 -5.96 4.14 7.61
CA GLY A 125 -6.07 4.35 6.20
C GLY A 125 -6.96 3.36 5.46
N LEU A 126 -6.85 2.05 5.77
CA LEU A 126 -7.74 1.06 5.16
C LEU A 126 -9.22 1.23 5.60
N ARG A 127 -9.44 1.65 6.84
CA ARG A 127 -10.80 1.77 7.31
C ARG A 127 -11.49 2.87 6.50
N TYR A 128 -10.83 4.02 6.33
CA TYR A 128 -11.17 5.08 5.38
C TYR A 128 -11.38 4.64 3.90
N ILE A 129 -10.35 4.10 3.25
CA ILE A 129 -10.57 3.47 1.93
C ILE A 129 -11.79 2.57 1.92
N HIS A 130 -11.88 1.64 2.87
CA HIS A 130 -12.97 0.69 2.87
C HIS A 130 -14.39 1.29 3.09
N SER A 131 -14.46 2.43 3.79
CA SER A 131 -15.74 3.13 4.07
C SER A 131 -16.18 3.90 2.80
N MET A 132 -15.26 4.21 1.89
CA MET A 132 -15.59 4.71 0.56
C MET A 132 -16.03 3.62 -0.39
N SER A 133 -16.33 2.42 0.11
CA SER A 133 -16.70 1.27 -0.75
C SER A 133 -15.63 0.87 -1.79
N LEU A 134 -14.37 1.11 -1.43
CA LEU A 134 -13.19 0.78 -2.29
C LEU A 134 -12.28 -0.21 -1.59
N VAL A 135 -11.39 -0.88 -2.34
CA VAL A 135 -10.41 -1.81 -1.76
C VAL A 135 -9.07 -1.45 -2.47
N HIS A 136 -7.98 -1.56 -1.71
CA HIS A 136 -6.70 -1.10 -2.21
C HIS A 136 -6.12 -2.17 -3.19
N MET A 137 -6.12 -3.44 -2.79
CA MET A 137 -5.66 -4.57 -3.60
C MET A 137 -4.18 -4.74 -3.89
N ASP A 138 -3.34 -3.87 -3.34
CA ASP A 138 -1.88 -4.03 -3.49
C ASP A 138 -1.10 -3.47 -2.28
N ILE A 139 -1.56 -3.81 -1.09
CA ILE A 139 -0.88 -3.39 0.17
C ILE A 139 0.44 -4.18 0.30
N LYS A 140 1.55 -3.45 0.42
CA LYS A 140 2.88 -4.07 0.55
C LYS A 140 3.77 -2.88 1.00
N PRO A 141 4.95 -3.20 1.60
CA PRO A 141 5.83 -2.14 2.10
C PRO A 141 6.29 -1.15 1.05
N SER A 142 6.44 -1.53 -0.23
CA SER A 142 6.85 -0.50 -1.19
C SER A 142 5.72 0.52 -1.54
N ASN A 143 4.45 0.26 -1.09
CA ASN A 143 3.28 1.13 -1.31
C ASN A 143 2.90 1.86 -0.01
N ILE A 144 3.69 1.71 1.05
CA ILE A 144 3.51 2.51 2.28
C ILE A 144 4.64 3.50 2.36
N PHE A 145 4.28 4.77 2.55
CA PHE A 145 5.20 5.88 2.63
C PHE A 145 5.27 6.49 4.02
N ILE A 146 6.46 6.96 4.33
CA ILE A 146 6.78 7.46 5.66
C ILE A 146 7.08 8.98 5.55
N SER A 147 6.57 9.76 6.49
CA SER A 147 6.71 11.17 6.51
C SER A 147 7.19 11.45 7.93
N LYS A 168 7.13 12.55 15.03
CA LYS A 168 6.25 11.36 15.02
C LYS A 168 6.24 10.80 13.60
N VAL A 169 6.60 9.54 13.38
CA VAL A 169 6.53 8.98 12.05
C VAL A 169 5.06 8.84 11.63
N MET A 170 4.78 9.21 10.38
CA MET A 170 3.45 8.94 9.80
C MET A 170 3.61 7.89 8.70
N PHE A 171 2.72 6.92 8.67
CA PHE A 171 2.71 5.96 7.57
C PHE A 171 1.48 6.31 6.75
N LYS A 172 1.62 6.28 5.42
CA LYS A 172 0.55 6.62 4.47
C LYS A 172 0.50 5.62 3.37
N ILE A 173 -0.68 5.11 3.11
CA ILE A 173 -0.90 4.25 1.98
C ILE A 173 -0.79 5.07 0.67
N GLY A 174 -0.06 4.53 -0.34
CA GLY A 174 0.03 5.16 -1.59
C GLY A 174 -0.17 4.10 -2.64
N ASP A 175 0.18 4.44 -3.88
CA ASP A 175 0.02 3.55 -5.08
C ASP A 175 -1.35 2.93 -5.22
N LEU A 176 -2.29 3.77 -5.64
CA LEU A 176 -3.68 3.35 -5.77
C LEU A 176 -3.90 2.76 -7.15
N GLY A 177 -2.84 2.25 -7.80
CA GLY A 177 -2.97 1.55 -9.09
C GLY A 177 -3.77 0.25 -9.19
N HIS A 178 -4.15 -0.40 -8.10
CA HIS A 178 -5.00 -1.58 -8.13
C HIS A 178 -6.35 -1.29 -7.48
N VAL A 179 -6.64 -0.03 -7.17
CA VAL A 179 -7.87 0.25 -6.42
C VAL A 179 -9.12 -0.14 -7.23
N THR A 180 -10.07 -0.78 -6.55
CA THR A 180 -11.33 -1.11 -7.18
C THR A 180 -12.52 -0.94 -6.21
N ARG A 181 -13.74 -0.77 -6.74
CA ARG A 181 -14.95 -0.84 -5.89
C ARG A 181 -15.05 -2.20 -5.25
N ILE A 182 -15.56 -2.19 -4.03
CA ILE A 182 -15.61 -3.34 -3.17
C ILE A 182 -16.39 -4.54 -3.72
N SER A 183 -17.35 -4.30 -4.64
CA SER A 183 -18.16 -5.43 -5.15
C SER A 183 -17.87 -5.68 -6.62
N SER A 184 -16.73 -5.20 -7.12
CA SER A 184 -16.32 -5.47 -8.50
C SER A 184 -16.26 -6.96 -8.74
N PRO A 185 -16.74 -7.38 -9.93
CA PRO A 185 -16.69 -8.76 -10.44
C PRO A 185 -15.36 -9.09 -11.07
N GLN A 186 -14.60 -8.10 -11.46
CA GLN A 186 -13.27 -8.37 -11.95
C GLN A 186 -12.26 -7.52 -11.20
N VAL A 187 -11.15 -8.16 -10.86
CA VAL A 187 -10.10 -7.60 -10.04
C VAL A 187 -8.72 -7.86 -10.70
N GLU A 188 -7.92 -6.82 -10.79
CA GLU A 188 -6.50 -6.97 -11.02
C GLU A 188 -5.74 -7.32 -9.67
N GLU A 189 -5.14 -8.51 -9.61
CA GLU A 189 -4.45 -8.97 -8.42
C GLU A 189 -3.18 -8.16 -8.12
N GLY A 190 -2.93 -7.89 -6.84
CA GLY A 190 -1.69 -7.18 -6.45
C GLY A 190 -0.53 -8.19 -6.33
N ASP A 191 0.59 -7.72 -5.76
CA ASP A 191 1.82 -8.50 -5.63
C ASP A 191 1.50 -9.87 -5.05
N SER A 192 1.99 -10.95 -5.66
CA SER A 192 1.74 -12.27 -5.09
C SER A 192 2.37 -12.59 -3.73
N ARG A 193 3.44 -11.89 -3.30
CA ARG A 193 3.95 -12.12 -1.91
C ARG A 193 2.89 -11.77 -0.89
N PHE A 194 1.90 -10.96 -1.29
CA PHE A 194 0.95 -10.39 -0.30
C PHE A 194 -0.51 -10.79 -0.63
N LEU A 195 -0.65 -11.63 -1.64
CA LEU A 195 -1.94 -11.94 -2.27
C LEU A 195 -2.66 -13.01 -1.44
N ALA A 196 -3.89 -12.75 -1.02
CA ALA A 196 -4.66 -13.75 -0.31
C ALA A 196 -5.11 -14.83 -1.34
N ASN A 197 -5.19 -16.10 -0.88
CA ASN A 197 -5.54 -17.21 -1.77
C ASN A 197 -6.92 -17.09 -2.42
N GLU A 198 -7.91 -16.58 -1.69
CA GLU A 198 -9.28 -16.41 -2.25
C GLU A 198 -9.30 -15.50 -3.44
N VAL A 199 -8.46 -14.47 -3.47
CA VAL A 199 -8.37 -13.60 -4.63
C VAL A 199 -7.69 -14.33 -5.77
N LEU A 200 -6.65 -15.12 -5.48
CA LEU A 200 -6.02 -15.91 -6.50
C LEU A 200 -7.04 -16.91 -7.09
N GLN A 201 -7.94 -17.42 -6.26
CA GLN A 201 -9.00 -18.31 -6.71
C GLN A 201 -10.17 -17.61 -7.42
N GLU A 202 -10.14 -16.28 -7.51
CA GLU A 202 -11.17 -15.48 -8.13
C GLU A 202 -12.48 -15.43 -7.40
N ASN A 203 -12.38 -15.46 -6.09
CA ASN A 203 -13.50 -15.31 -5.19
C ASN A 203 -13.42 -13.93 -4.51
N TYR A 204 -14.33 -13.05 -4.92
CA TYR A 204 -14.29 -11.65 -4.54
C TYR A 204 -15.39 -11.24 -3.64
N THR A 205 -15.88 -12.17 -2.85
CA THR A 205 -16.98 -11.93 -1.98
C THR A 205 -16.56 -11.06 -0.79
N HIS A 206 -15.27 -11.05 -0.44
CA HIS A 206 -14.85 -10.44 0.81
C HIS A 206 -13.57 -9.64 0.57
N LEU A 207 -13.59 -8.78 -0.44
CA LEU A 207 -12.36 -8.15 -0.92
C LEU A 207 -11.58 -7.29 0.11
N PRO A 208 -12.32 -6.57 1.00
CA PRO A 208 -11.71 -5.85 2.12
C PRO A 208 -10.72 -6.70 2.95
N LYS A 209 -11.05 -7.96 3.16
CA LYS A 209 -10.22 -8.92 3.94
C LYS A 209 -8.93 -9.33 3.21
N ALA A 210 -8.88 -9.17 1.88
CA ALA A 210 -7.62 -9.24 1.16
C ALA A 210 -6.62 -8.14 1.56
N ASP A 211 -7.11 -6.92 1.84
CA ASP A 211 -6.24 -5.85 2.29
C ASP A 211 -5.73 -6.13 3.72
N ILE A 212 -6.62 -6.68 4.56
CA ILE A 212 -6.31 -7.06 5.92
C ILE A 212 -5.19 -8.12 5.90
N PHE A 213 -5.31 -9.13 5.04
CA PHE A 213 -4.29 -10.18 4.90
C PHE A 213 -2.92 -9.56 4.48
N ALA A 214 -2.93 -8.70 3.45
CA ALA A 214 -1.72 -8.04 2.94
C ALA A 214 -1.09 -7.17 4.01
N LEU A 215 -1.93 -6.53 4.83
CA LEU A 215 -1.39 -5.72 5.91
C LEU A 215 -0.64 -6.51 6.97
N ALA A 216 -1.21 -7.63 7.43
CA ALA A 216 -0.52 -8.50 8.40
C ALA A 216 0.86 -8.85 7.88
N LEU A 217 0.95 -9.27 6.63
CA LEU A 217 2.21 -9.66 6.06
C LEU A 217 3.18 -8.49 5.89
N THR A 218 2.68 -7.31 5.59
CA THR A 218 3.45 -6.09 5.61
C THR A 218 4.08 -5.87 7.03
N VAL A 219 3.30 -6.08 8.08
CA VAL A 219 3.75 -5.93 9.43
C VAL A 219 4.79 -7.07 9.80
N VAL A 220 4.60 -8.24 9.21
CA VAL A 220 5.56 -9.35 9.40
C VAL A 220 6.94 -9.00 8.81
N CYS A 221 6.96 -8.45 7.58
CA CYS A 221 8.16 -7.90 6.95
C CYS A 221 8.87 -6.88 7.83
N ALA A 222 8.11 -5.87 8.32
CA ALA A 222 8.61 -4.83 9.24
C ALA A 222 9.19 -5.42 10.54
N ALA A 223 8.60 -6.51 11.01
CA ALA A 223 9.12 -7.23 12.19
C ALA A 223 10.46 -7.99 12.00
N GLY A 224 10.99 -8.02 10.78
CA GLY A 224 12.29 -8.62 10.58
C GLY A 224 12.30 -9.91 9.77
N ALA A 225 11.12 -10.40 9.33
CA ALA A 225 11.03 -11.64 8.54
C ALA A 225 11.96 -11.68 7.30
N GLU A 226 12.36 -12.88 6.91
CA GLU A 226 12.96 -13.06 5.56
C GLU A 226 11.99 -12.61 4.43
N PRO A 227 12.55 -12.26 3.24
CA PRO A 227 11.72 -11.94 2.10
C PRO A 227 10.65 -12.95 1.84
N LEU A 228 9.43 -12.49 1.60
CA LEU A 228 8.31 -13.41 1.45
C LEU A 228 8.40 -14.16 0.14
N PRO A 229 7.92 -15.43 0.12
CA PRO A 229 7.90 -16.24 -1.13
C PRO A 229 6.85 -15.78 -2.13
N ARG A 230 7.17 -15.95 -3.42
CA ARG A 230 6.26 -15.67 -4.48
C ARG A 230 5.39 -16.84 -4.91
N ASN A 231 5.80 -18.06 -4.63
CA ASN A 231 5.06 -19.23 -5.05
C ASN A 231 5.73 -20.37 -4.31
N GLY A 232 5.31 -21.60 -4.56
CA GLY A 232 6.02 -22.73 -3.96
C GLY A 232 5.35 -23.09 -2.66
N ASP A 233 5.95 -24.05 -1.97
CA ASP A 233 5.40 -24.59 -0.72
C ASP A 233 5.31 -23.56 0.41
N GLN A 234 6.28 -22.66 0.53
CA GLN A 234 6.22 -21.67 1.58
C GLN A 234 5.06 -20.68 1.35
N TRP A 235 4.75 -20.37 0.11
CA TRP A 235 3.61 -19.51 -0.22
C TRP A 235 2.31 -20.13 0.30
N HIS A 236 2.08 -21.40 -0.04
CA HIS A 236 0.87 -22.13 0.33
C HIS A 236 0.73 -22.28 1.84
N GLU A 237 1.82 -22.54 2.52
CA GLU A 237 1.83 -22.65 3.99
C GLU A 237 1.32 -21.39 4.76
N ILE A 238 1.79 -20.21 4.38
CA ILE A 238 1.23 -18.93 4.89
C ILE A 238 -0.27 -18.84 4.59
N ARG A 239 -0.65 -19.25 3.40
CA ARG A 239 -2.07 -19.18 3.04
C ARG A 239 -2.92 -20.21 3.88
N GLN A 240 -2.24 -21.16 4.54
CA GLN A 240 -2.91 -21.98 5.56
C GLN A 240 -3.03 -21.26 6.93
N GLY A 241 -2.61 -19.98 6.99
CA GLY A 241 -2.68 -19.23 8.23
C GLY A 241 -1.47 -19.33 9.13
N ARG A 242 -0.34 -19.81 8.62
CA ARG A 242 0.90 -19.90 9.37
C ARG A 242 1.79 -18.65 9.14
N LEU A 243 2.09 -17.94 10.23
CA LEU A 243 2.86 -16.72 10.14
C LEU A 243 4.27 -17.07 9.79
N PRO A 244 4.92 -16.29 8.90
CA PRO A 244 6.34 -16.58 8.74
C PRO A 244 7.07 -16.34 10.08
N ARG A 245 8.20 -17.02 10.24
CA ARG A 245 9.11 -16.79 11.31
C ARG A 245 9.57 -15.29 11.46
N ILE A 246 9.42 -14.75 12.66
CA ILE A 246 9.79 -13.38 12.99
C ILE A 246 11.00 -13.44 13.97
N PRO A 247 12.12 -12.75 13.65
CA PRO A 247 13.30 -12.91 14.52
C PRO A 247 13.29 -12.08 15.80
N GLN A 248 12.18 -11.90 16.48
CA GLN A 248 12.19 -11.22 17.77
C GLN A 248 10.97 -11.73 18.52
N VAL A 249 10.94 -11.54 19.84
CA VAL A 249 9.87 -12.01 20.63
C VAL A 249 8.75 -10.94 20.71
N LEU A 250 7.52 -11.32 20.35
CA LEU A 250 6.36 -10.47 20.47
C LEU A 250 5.39 -11.02 21.53
N SER A 251 4.63 -10.15 22.17
CA SER A 251 3.52 -10.54 22.99
C SER A 251 2.68 -11.62 22.24
N GLN A 252 2.18 -12.60 23.01
CA GLN A 252 1.27 -13.57 22.48
C GLN A 252 0.02 -12.91 21.82
N GLU A 253 -0.48 -11.88 22.48
CA GLU A 253 -1.67 -11.16 22.10
C GLU A 253 -1.50 -10.54 20.70
N PHE A 254 -0.31 -9.98 20.46
CA PHE A 254 0.03 -9.40 19.19
C PHE A 254 0.19 -10.45 18.07
N THR A 255 0.89 -11.54 18.33
CA THR A 255 1.09 -12.63 17.37
C THR A 255 -0.23 -13.24 16.90
N GLU A 256 -1.16 -13.39 17.85
CA GLU A 256 -2.52 -13.93 17.66
C GLU A 256 -3.33 -13.02 16.74
N LEU A 257 -3.23 -11.70 16.94
CA LEU A 257 -3.79 -10.73 16.02
C LEU A 257 -3.25 -10.92 14.63
N LEU A 258 -1.94 -10.96 14.44
CA LEU A 258 -1.36 -11.10 13.08
C LEU A 258 -1.80 -12.39 12.39
N LYS A 259 -1.85 -13.44 13.21
CA LYS A 259 -2.21 -14.76 12.73
C LYS A 259 -3.69 -14.83 12.33
N VAL A 260 -4.56 -14.30 13.13
CA VAL A 260 -5.99 -14.23 12.71
C VAL A 260 -6.23 -13.38 11.39
N MET A 261 -5.47 -12.29 11.20
CA MET A 261 -5.49 -11.44 9.99
C MET A 261 -5.05 -12.20 8.72
N ILE A 262 -4.30 -13.29 8.87
CA ILE A 262 -3.99 -14.18 7.72
C ILE A 262 -4.81 -15.53 7.69
N HIS A 263 -5.89 -15.56 8.49
CA HIS A 263 -6.74 -16.77 8.57
C HIS A 263 -7.20 -17.19 7.16
N PRO A 264 -7.21 -18.53 6.86
CA PRO A 264 -7.61 -18.90 5.49
C PRO A 264 -9.09 -18.57 5.18
N ASP A 265 -9.91 -18.41 6.21
CA ASP A 265 -11.25 -18.01 6.06
C ASP A 265 -11.32 -16.49 6.16
N PRO A 266 -11.60 -15.79 5.04
CA PRO A 266 -11.57 -14.30 5.10
C PRO A 266 -12.48 -13.67 6.15
N GLU A 267 -13.61 -14.34 6.48
CA GLU A 267 -14.57 -13.81 7.46
C GLU A 267 -14.04 -13.83 8.86
N ARG A 268 -13.10 -14.73 9.11
CA ARG A 268 -12.41 -14.76 10.38
C ARG A 268 -11.44 -13.55 10.60
N ARG A 269 -10.93 -12.97 9.53
CA ARG A 269 -10.00 -11.82 9.64
C ARG A 269 -10.78 -10.62 10.19
N PRO A 270 -10.15 -9.73 10.99
CA PRO A 270 -10.95 -8.55 11.41
C PRO A 270 -11.14 -7.58 10.23
N SER A 271 -12.27 -6.86 10.22
CA SER A 271 -12.42 -5.73 9.32
C SER A 271 -11.45 -4.64 9.80
N ALA A 272 -11.24 -3.64 8.97
CA ALA A 272 -10.32 -2.55 9.30
C ALA A 272 -10.82 -1.80 10.54
N MET A 273 -12.14 -1.64 10.62
CA MET A 273 -12.72 -1.03 11.80
C MET A 273 -12.49 -1.86 13.08
N ALA A 274 -12.82 -3.16 13.07
CA ALA A 274 -12.46 -4.01 14.23
C ALA A 274 -10.94 -3.93 14.59
N LEU A 275 -10.08 -3.95 13.58
CA LEU A 275 -8.64 -3.71 13.78
C LEU A 275 -8.30 -2.44 14.55
N VAL A 276 -8.82 -1.28 14.13
CA VAL A 276 -8.48 -0.03 14.78
C VAL A 276 -9.01 0.08 16.19
N LYS A 277 -10.10 -0.63 16.45
CA LYS A 277 -10.72 -0.71 17.76
C LYS A 277 -10.15 -1.85 18.63
N HIS A 278 -9.29 -2.66 18.06
CA HIS A 278 -8.77 -3.82 18.79
C HIS A 278 -8.05 -3.46 20.10
N SER A 279 -8.28 -4.26 21.14
CA SER A 279 -7.68 -3.97 22.44
C SER A 279 -6.14 -4.11 22.40
N VAL A 280 -5.61 -4.96 21.54
CA VAL A 280 -4.18 -5.05 21.40
C VAL A 280 -3.62 -3.70 20.95
N LEU A 281 -4.40 -2.96 20.18
CA LEU A 281 -3.92 -1.72 19.60
C LEU A 281 -4.30 -0.50 20.48
N LEU A 282 -5.05 -0.71 21.56
CA LEU A 282 -5.36 0.36 22.53
C LEU A 282 -4.14 0.58 23.38
#